data_6GQO
#
_entry.id   6GQO
#
_cell.length_a   52.104
_cell.length_b   56.457
_cell.length_c   60.714
_cell.angle_alpha   90.00
_cell.angle_beta   110.45
_cell.angle_gamma   90.00
#
_symmetry.space_group_name_H-M   'P 1 21 1'
#
loop_
_entity.id
_entity.type
_entity.pdbx_description
1 polymer 'Vascular endothelial growth factor receptor 2'
2 non-polymer 2-[4-(6,7-dimethoxyquinazolin-4-yl)oxy-2-methoxy-phenyl]-~{N}-(1-propan-2-ylpyrazol-4-yl)ethanamide
3 water water
#
_entity_poly.entity_id   1
_entity_poly.type   'polypeptide(L)'
_entity_poly.pdbx_seq_one_letter_code
;MDPDELPLDEHCERLPYDASKWEFPRDRLKLGKPLGRGAFGQVIEADAFGIDKTATCRTVAVKMLKEGATHSEHRALMSE
LKILIHIGHHLNVVNLLGACTKPGGPLMVIVEFCKFGNLSTYLRSKRNEFVPYKVAPEDLYKDFLTLEHLICYSFQVAKG
MEFLASRKCIHRDLAARNILLSEKNVVKICDFGLARDIYKDPDYVRKGDARLPLKWMAPETIFDRVYTIQSDVWSFGVLL
WEIFSLGASPYPGVKIDEEFCRRLKEGTRMRAPDYTTPEMYQTMLDCWHGEPSQRPTFSELVEHLGNLLQANAQQDENLY
FQ
;
_entity_poly.pdbx_strand_id   A
#
# COMPACT_ATOMS: atom_id res chain seq x y z
N LEU A 6 -5.80 17.94 -8.61
CA LEU A 6 -6.39 17.63 -9.91
C LEU A 6 -6.20 16.14 -10.28
N PRO A 7 -6.65 15.25 -9.37
CA PRO A 7 -6.54 13.79 -9.46
C PRO A 7 -7.22 13.16 -10.69
N LEU A 8 -6.50 12.24 -11.38
CA LEU A 8 -6.98 11.54 -12.59
C LEU A 8 -7.91 10.37 -12.25
N ASP A 9 -7.74 9.80 -11.06
CA ASP A 9 -8.50 8.67 -10.54
C ASP A 9 -9.96 9.00 -10.15
N GLU A 10 -10.40 10.25 -10.33
CA GLU A 10 -11.76 10.70 -10.02
C GLU A 10 -12.67 10.58 -11.25
N HIS A 11 -12.06 10.47 -12.45
CA HIS A 11 -12.77 10.35 -13.71
C HIS A 11 -12.16 9.18 -14.56
N CYS A 12 -12.11 7.97 -13.97
CA CYS A 12 -11.58 6.75 -14.60
C CYS A 12 -12.37 6.26 -15.79
N GLU A 13 -13.70 6.47 -15.78
CA GLU A 13 -14.62 5.98 -16.81
C GLU A 13 -14.29 6.50 -18.20
N ARG A 14 -13.46 7.57 -18.30
CA ARG A 14 -13.09 8.10 -19.60
C ARG A 14 -11.67 7.64 -20.03
N LEU A 15 -11.00 6.83 -19.18
CA LEU A 15 -9.66 6.30 -19.47
C LEU A 15 -9.77 5.11 -20.45
N PRO A 16 -8.73 4.80 -21.28
CA PRO A 16 -8.88 3.69 -22.22
C PRO A 16 -8.49 2.33 -21.68
N TYR A 17 -9.04 1.28 -22.33
CA TYR A 17 -8.65 -0.10 -22.09
C TYR A 17 -8.24 -0.63 -23.46
N ASP A 18 -6.93 -0.82 -23.68
CA ASP A 18 -6.37 -1.32 -24.94
C ASP A 18 -6.28 -2.86 -24.86
N ALA A 19 -7.33 -3.56 -25.29
CA ALA A 19 -7.41 -5.04 -25.25
C ALA A 19 -6.25 -5.71 -25.99
N SER A 20 -5.84 -5.13 -27.14
CA SER A 20 -4.75 -5.67 -27.96
C SER A 20 -3.41 -5.77 -27.20
N LYS A 21 -3.23 -4.99 -26.13
CA LYS A 21 -2.01 -5.06 -25.34
C LYS A 21 -2.20 -5.89 -24.06
N TRP A 22 -3.28 -5.62 -23.31
CA TRP A 22 -3.49 -6.18 -21.98
C TRP A 22 -4.26 -7.45 -21.85
N GLU A 23 -5.11 -7.76 -22.84
CA GLU A 23 -5.99 -8.90 -22.73
C GLU A 23 -5.23 -10.23 -22.69
N PHE A 24 -5.48 -11.01 -21.64
CA PHE A 24 -4.82 -12.30 -21.44
C PHE A 24 -5.88 -13.39 -21.59
N PRO A 25 -5.63 -14.42 -22.43
CA PRO A 25 -6.65 -15.48 -22.60
C PRO A 25 -6.89 -16.24 -21.30
N ARG A 26 -8.17 -16.42 -20.93
CA ARG A 26 -8.53 -17.14 -19.70
C ARG A 26 -7.97 -18.56 -19.65
N ASP A 27 -7.78 -19.19 -20.81
CA ASP A 27 -7.27 -20.57 -20.90
C ASP A 27 -5.75 -20.66 -20.65
N ARG A 28 -5.08 -19.53 -20.45
CA ARG A 28 -3.64 -19.51 -20.15
C ARG A 28 -3.40 -19.20 -18.69
N LEU A 29 -4.49 -19.11 -17.92
CA LEU A 29 -4.43 -18.78 -16.53
C LEU A 29 -4.95 -19.95 -15.71
N LYS A 30 -4.08 -20.51 -14.85
CA LYS A 30 -4.43 -21.62 -13.97
C LYS A 30 -4.64 -21.07 -12.56
N LEU A 31 -5.88 -20.98 -12.11
CA LEU A 31 -6.21 -20.42 -10.80
C LEU A 31 -5.87 -21.36 -9.65
N GLY A 32 -5.31 -20.81 -8.58
CA GLY A 32 -4.91 -21.56 -7.39
C GLY A 32 -5.66 -21.15 -6.13
N LYS A 33 -4.95 -21.10 -5.00
CA LYS A 33 -5.56 -20.79 -3.69
C LYS A 33 -5.86 -19.30 -3.45
N PRO A 34 -6.94 -18.98 -2.68
CA PRO A 34 -7.19 -17.57 -2.35
C PRO A 34 -6.11 -17.08 -1.42
N LEU A 35 -5.74 -15.83 -1.59
CA LEU A 35 -4.73 -15.18 -0.76
C LEU A 35 -5.47 -14.37 0.32
N GLY A 36 -6.70 -13.95 0.01
CA GLY A 36 -7.61 -13.22 0.89
C GLY A 36 -8.36 -14.09 1.89
N ARG A 37 -9.71 -14.15 1.86
CA ARG A 37 -10.64 -13.46 0.96
C ARG A 37 -11.09 -12.09 1.49
N GLY A 38 -11.91 -11.43 0.69
CA GLY A 38 -12.45 -10.13 1.04
C GLY A 38 -13.95 -10.17 1.20
N ALA A 39 -14.60 -9.05 0.93
CA ALA A 39 -16.04 -8.93 1.02
C ALA A 39 -16.69 -9.23 -0.34
N PHE A 40 -16.51 -8.34 -1.32
CA PHE A 40 -17.10 -8.49 -2.64
C PHE A 40 -16.02 -8.83 -3.67
N GLY A 41 -14.75 -8.75 -3.25
CA GLY A 41 -13.62 -9.05 -4.10
C GLY A 41 -12.72 -10.08 -3.45
N GLN A 42 -11.80 -10.62 -4.20
CA GLN A 42 -10.84 -11.59 -3.66
C GLN A 42 -9.60 -11.56 -4.52
N VAL A 43 -8.49 -11.90 -3.91
CA VAL A 43 -7.17 -12.03 -4.56
C VAL A 43 -6.82 -13.51 -4.51
N ILE A 44 -6.44 -14.08 -5.66
CA ILE A 44 -6.15 -15.51 -5.84
C ILE A 44 -4.75 -15.66 -6.41
N GLU A 45 -4.00 -16.62 -5.90
CA GLU A 45 -2.70 -16.98 -6.45
C GLU A 45 -2.99 -17.75 -7.78
N ALA A 46 -2.20 -17.53 -8.85
CA ALA A 46 -2.44 -18.27 -10.09
C ALA A 46 -1.17 -18.52 -10.83
N ASP A 47 -1.22 -19.39 -11.85
CA ASP A 47 -0.06 -19.63 -12.71
C ASP A 47 -0.46 -19.14 -14.09
N ALA A 48 0.22 -18.12 -14.61
CA ALA A 48 -0.08 -17.57 -15.92
C ALA A 48 0.97 -18.09 -16.93
N PHE A 49 0.51 -18.64 -18.04
CA PHE A 49 1.48 -19.11 -19.01
C PHE A 49 1.86 -18.05 -20.05
N GLY A 50 3.10 -17.60 -20.01
CA GLY A 50 3.60 -16.61 -20.97
C GLY A 50 2.99 -15.22 -20.87
N ILE A 51 2.63 -14.79 -19.68
CA ILE A 51 2.06 -13.45 -19.50
C ILE A 51 3.07 -12.31 -19.79
N ASP A 52 4.36 -12.50 -19.46
CA ASP A 52 5.37 -11.45 -19.66
C ASP A 52 6.66 -11.90 -20.35
N LYS A 53 6.89 -13.23 -20.42
CA LYS A 53 8.04 -13.80 -21.14
C LYS A 53 7.48 -14.97 -21.93
N THR A 54 7.78 -15.01 -23.23
CA THR A 54 7.31 -16.07 -24.11
C THR A 54 7.44 -17.46 -23.48
N ALA A 55 6.30 -18.18 -23.45
CA ALA A 55 6.16 -19.57 -23.00
C ALA A 55 6.79 -19.87 -21.64
N THR A 56 6.72 -18.90 -20.73
CA THR A 56 7.26 -19.07 -19.40
C THR A 56 6.14 -19.07 -18.38
N CYS A 57 6.05 -20.12 -17.54
CA CYS A 57 5.06 -20.15 -16.45
C CYS A 57 5.43 -19.08 -15.39
N ARG A 58 4.46 -18.36 -14.84
CA ARG A 58 4.81 -17.35 -13.83
C ARG A 58 3.74 -17.31 -12.77
N THR A 59 4.10 -17.31 -11.48
CA THR A 59 3.08 -17.15 -10.43
C THR A 59 2.64 -15.69 -10.46
N VAL A 60 1.31 -15.46 -10.40
CA VAL A 60 0.71 -14.14 -10.42
C VAL A 60 -0.36 -14.06 -9.32
N ALA A 61 -0.84 -12.84 -9.05
CA ALA A 61 -1.94 -12.59 -8.13
C ALA A 61 -3.06 -12.06 -8.96
N VAL A 62 -4.27 -12.56 -8.75
CA VAL A 62 -5.40 -12.17 -9.62
C VAL A 62 -6.48 -11.58 -8.74
N LYS A 63 -6.98 -10.42 -9.09
CA LYS A 63 -8.11 -9.81 -8.33
C LYS A 63 -9.36 -10.02 -9.13
N MET A 64 -10.42 -10.48 -8.46
CA MET A 64 -11.69 -10.69 -9.13
C MET A 64 -12.81 -10.57 -8.11
N LEU A 65 -14.04 -10.63 -8.58
CA LEU A 65 -15.17 -10.51 -7.69
C LEU A 65 -15.65 -11.83 -7.17
N LYS A 66 -16.51 -11.80 -6.15
CA LYS A 66 -17.06 -13.01 -5.58
C LYS A 66 -18.52 -12.86 -5.30
N GLU A 67 -19.16 -13.95 -4.85
CA GLU A 67 -20.58 -14.00 -4.49
C GLU A 67 -20.90 -12.83 -3.58
N GLY A 68 -21.91 -12.06 -3.96
CA GLY A 68 -22.30 -10.86 -3.23
C GLY A 68 -22.07 -9.60 -4.04
N ALA A 69 -21.06 -9.61 -4.94
CA ALA A 69 -20.78 -8.46 -5.79
C ALA A 69 -21.92 -8.26 -6.80
N THR A 70 -22.08 -7.01 -7.22
CA THR A 70 -23.16 -6.61 -8.14
C THR A 70 -22.52 -5.98 -9.39
N HIS A 71 -23.32 -5.50 -10.36
CA HIS A 71 -22.73 -4.84 -11.53
C HIS A 71 -21.90 -3.55 -11.11
N SER A 72 -22.26 -2.87 -9.99
CA SER A 72 -21.52 -1.66 -9.53
C SER A 72 -20.08 -2.00 -9.11
N GLU A 73 -19.85 -3.18 -8.50
CA GLU A 73 -18.48 -3.63 -8.20
C GLU A 73 -17.72 -4.05 -9.45
N HIS A 74 -18.45 -4.53 -10.45
CA HIS A 74 -17.86 -4.93 -11.72
C HIS A 74 -17.35 -3.67 -12.43
N ARG A 75 -18.14 -2.58 -12.38
CA ARG A 75 -17.74 -1.27 -12.96
C ARG A 75 -16.55 -0.72 -12.19
N ALA A 76 -16.53 -0.91 -10.87
CA ALA A 76 -15.42 -0.44 -10.05
C ALA A 76 -14.12 -1.20 -10.34
N LEU A 77 -14.20 -2.51 -10.59
CA LEU A 77 -13.00 -3.26 -10.89
C LEU A 77 -12.46 -2.89 -12.29
N MET A 78 -13.35 -2.57 -13.21
CA MET A 78 -12.92 -2.12 -14.56
C MET A 78 -12.22 -0.74 -14.44
N SER A 79 -12.77 0.16 -13.60
CA SER A 79 -12.09 1.46 -13.39
C SER A 79 -10.72 1.23 -12.78
N GLU A 80 -10.59 0.30 -11.85
CA GLU A 80 -9.31 -0.02 -11.20
C GLU A 80 -8.28 -0.48 -12.26
N LEU A 81 -8.72 -1.33 -13.19
CA LEU A 81 -7.83 -1.84 -14.23
C LEU A 81 -7.38 -0.63 -15.07
N LYS A 82 -8.33 0.23 -15.48
CA LYS A 82 -7.99 1.42 -16.31
C LYS A 82 -6.96 2.36 -15.60
N ILE A 83 -7.10 2.55 -14.28
N ILE A 83 -7.11 2.53 -14.27
CA ILE A 83 -6.17 3.41 -13.52
CA ILE A 83 -6.21 3.34 -13.43
C ILE A 83 -4.80 2.73 -13.39
C ILE A 83 -4.83 2.72 -13.48
N LEU A 84 -4.75 1.39 -13.26
CA LEU A 84 -3.47 0.65 -13.24
C LEU A 84 -2.78 0.77 -14.57
N ILE A 85 -3.54 0.73 -15.66
CA ILE A 85 -2.90 0.91 -16.97
C ILE A 85 -2.31 2.33 -17.07
N HIS A 86 -3.08 3.37 -16.69
CA HIS A 86 -2.66 4.77 -16.73
C HIS A 86 -1.42 5.00 -15.88
N ILE A 87 -1.40 4.45 -14.67
CA ILE A 87 -0.26 4.61 -13.74
C ILE A 87 1.02 4.03 -14.39
N GLY A 88 0.94 2.78 -14.86
CA GLY A 88 2.11 2.18 -15.49
C GLY A 88 3.03 1.54 -14.47
N HIS A 89 4.22 1.17 -14.90
CA HIS A 89 5.12 0.41 -14.05
C HIS A 89 6.19 1.19 -13.33
N HIS A 90 6.47 0.74 -12.09
CA HIS A 90 7.59 1.27 -11.30
C HIS A 90 7.96 0.12 -10.38
N LEU A 91 9.24 0.05 -9.98
CA LEU A 91 9.69 -1.03 -9.11
C LEU A 91 8.85 -1.11 -7.84
N ASN A 92 8.43 0.05 -7.31
CA ASN A 92 7.76 0.11 -6.00
C ASN A 92 6.24 0.27 -6.03
N VAL A 93 5.63 -0.15 -7.14
CA VAL A 93 4.15 -0.20 -7.31
C VAL A 93 3.88 -1.61 -7.81
N VAL A 94 2.80 -2.27 -7.34
CA VAL A 94 2.45 -3.62 -7.83
C VAL A 94 2.19 -3.48 -9.35
N ASN A 95 2.89 -4.23 -10.19
CA ASN A 95 2.72 -3.96 -11.62
C ASN A 95 1.69 -4.88 -12.25
N LEU A 96 0.84 -4.26 -13.04
CA LEU A 96 -0.19 -4.90 -13.80
C LEU A 96 0.48 -5.71 -14.91
N LEU A 97 0.04 -6.96 -15.07
CA LEU A 97 0.59 -7.85 -16.10
C LEU A 97 -0.42 -8.11 -17.24
N GLY A 98 -1.70 -8.08 -16.91
CA GLY A 98 -2.75 -8.34 -17.90
C GLY A 98 -4.10 -8.39 -17.25
N ALA A 99 -5.12 -8.69 -18.06
CA ALA A 99 -6.49 -8.79 -17.56
C ALA A 99 -7.32 -9.70 -18.46
N CYS A 100 -8.40 -10.27 -17.91
CA CYS A 100 -9.36 -11.07 -18.65
C CYS A 100 -10.65 -10.28 -18.58
N THR A 101 -11.07 -9.67 -19.68
CA THR A 101 -12.28 -8.83 -19.66
C THR A 101 -13.37 -9.33 -20.62
N LYS A 102 -13.08 -10.37 -21.42
CA LYS A 102 -14.02 -10.90 -22.41
C LYS A 102 -15.29 -11.47 -21.80
N PRO A 103 -16.46 -11.30 -22.48
CA PRO A 103 -17.72 -11.88 -21.94
C PRO A 103 -17.64 -13.40 -21.70
N GLY A 104 -18.48 -13.90 -20.80
CA GLY A 104 -18.54 -15.34 -20.55
C GLY A 104 -17.73 -15.83 -19.36
N GLY A 105 -17.01 -14.90 -18.75
CA GLY A 105 -16.22 -15.17 -17.56
C GLY A 105 -16.07 -13.92 -16.72
N PRO A 106 -15.54 -14.08 -15.48
CA PRO A 106 -15.38 -12.91 -14.60
C PRO A 106 -14.27 -11.96 -15.05
N LEU A 107 -14.40 -10.69 -14.72
CA LEU A 107 -13.34 -9.70 -14.99
C LEU A 107 -12.19 -10.05 -14.03
N MET A 108 -10.96 -10.16 -14.54
CA MET A 108 -9.85 -10.51 -13.65
C MET A 108 -8.70 -9.60 -13.91
N VAL A 109 -8.09 -9.07 -12.86
CA VAL A 109 -6.97 -8.13 -13.01
C VAL A 109 -5.75 -8.90 -12.50
N ILE A 110 -4.72 -9.00 -13.33
CA ILE A 110 -3.56 -9.83 -13.00
C ILE A 110 -2.33 -8.97 -12.72
N VAL A 111 -1.69 -9.21 -11.58
CA VAL A 111 -0.49 -8.42 -11.20
C VAL A 111 0.63 -9.35 -10.77
N GLU A 112 1.85 -8.79 -10.62
CA GLU A 112 3.00 -9.58 -10.23
C GLU A 112 2.81 -10.07 -8.82
N PHE A 113 3.25 -11.28 -8.55
CA PHE A 113 3.08 -11.92 -7.25
C PHE A 113 4.19 -11.42 -6.27
N CYS A 114 3.83 -11.11 -5.03
CA CYS A 114 4.79 -10.61 -4.00
C CYS A 114 4.83 -11.60 -2.89
N LYS A 115 5.80 -12.50 -2.98
CA LYS A 115 5.98 -13.69 -2.15
C LYS A 115 5.70 -13.54 -0.65
N PHE A 116 6.16 -12.44 -0.05
CA PHE A 116 6.09 -12.34 1.41
C PHE A 116 4.82 -11.67 1.95
N GLY A 117 3.89 -11.31 1.06
CA GLY A 117 2.63 -10.69 1.44
C GLY A 117 2.77 -9.27 1.99
N ASN A 118 1.76 -8.81 2.77
CA ASN A 118 1.72 -7.45 3.29
C ASN A 118 2.81 -7.18 4.35
N LEU A 119 3.33 -5.96 4.33
CA LEU A 119 4.42 -5.52 5.19
C LEU A 119 4.05 -5.50 6.67
N SER A 120 2.82 -5.11 7.01
CA SER A 120 2.38 -5.07 8.41
C SER A 120 2.55 -6.43 9.08
N THR A 121 1.98 -7.49 8.49
CA THR A 121 2.06 -8.86 9.01
C THR A 121 3.50 -9.33 9.04
N TYR A 122 4.25 -9.00 8.00
CA TYR A 122 5.66 -9.42 7.88
C TYR A 122 6.53 -8.87 8.99
N LEU A 123 6.48 -7.56 9.22
CA LEU A 123 7.28 -6.94 10.27
C LEU A 123 6.90 -7.44 11.65
N ARG A 124 5.61 -7.70 11.88
CA ARG A 124 5.14 -8.21 13.17
C ARG A 124 5.67 -9.61 13.39
N SER A 125 5.68 -10.45 12.34
CA SER A 125 6.21 -11.82 12.43
C SER A 125 7.73 -11.88 12.64
N LYS A 126 8.45 -10.85 12.18
CA LYS A 126 9.92 -10.76 12.28
C LYS A 126 10.42 -9.83 13.40
N ARG A 127 9.48 -9.35 14.25
CA ARG A 127 9.77 -8.45 15.39
C ARG A 127 10.89 -8.97 16.30
N ASN A 128 10.90 -10.30 16.57
CA ASN A 128 11.93 -10.90 17.43
C ASN A 128 13.30 -10.96 16.76
N GLU A 129 13.33 -11.15 15.43
CA GLU A 129 14.53 -11.26 14.60
C GLU A 129 14.96 -9.88 14.09
N PHE A 130 15.14 -8.94 15.02
CA PHE A 130 15.55 -7.59 14.69
C PHE A 130 16.76 -7.19 15.52
N VAL A 131 17.73 -6.55 14.86
CA VAL A 131 18.92 -5.97 15.48
C VAL A 131 19.12 -4.61 14.80
N PRO A 132 19.30 -3.49 15.55
CA PRO A 132 19.49 -2.19 14.87
C PRO A 132 20.66 -2.20 13.88
N TYR A 133 21.80 -2.80 14.29
CA TYR A 133 23.00 -2.94 13.45
C TYR A 133 23.53 -4.36 13.58
N LYS A 134 23.89 -4.99 12.43
CA LYS A 134 24.47 -6.35 12.40
C LYS A 134 25.93 -6.25 12.85
N VAL A 135 26.33 -7.06 13.84
CA VAL A 135 27.71 -7.05 14.36
C VAL A 135 28.44 -8.38 14.05
N ALA A 136 29.55 -8.28 13.29
CA ALA A 136 30.38 -9.40 12.87
C ALA A 136 31.18 -10.04 14.03
N PRO A 137 31.43 -11.38 14.03
CA PRO A 137 31.07 -12.38 13.01
C PRO A 137 29.71 -13.08 13.20
N GLU A 138 29.16 -13.08 14.42
CA GLU A 138 27.90 -13.72 14.82
C GLU A 138 26.72 -13.53 13.85
N ASP A 139 26.28 -12.28 13.64
CA ASP A 139 25.13 -11.90 12.82
C ASP A 139 25.33 -11.93 11.29
N LEU A 140 26.60 -12.07 10.82
CA LEU A 140 27.00 -12.04 9.40
C LEU A 140 26.25 -13.02 8.48
N TYR A 141 25.86 -14.22 8.96
CA TYR A 141 25.15 -15.21 8.13
C TYR A 141 23.69 -15.42 8.57
N LYS A 142 23.19 -14.54 9.44
CA LYS A 142 21.81 -14.56 9.92
C LYS A 142 21.01 -13.53 9.13
N ASP A 143 19.80 -13.91 8.71
CA ASP A 143 18.96 -13.01 7.93
C ASP A 143 18.06 -12.16 8.85
N PHE A 144 18.68 -11.31 9.67
CA PHE A 144 17.97 -10.43 10.58
C PHE A 144 17.54 -9.13 9.90
N LEU A 145 16.43 -8.55 10.41
CA LEU A 145 15.94 -7.23 10.03
C LEU A 145 16.81 -6.25 10.77
N THR A 146 17.25 -5.19 10.09
CA THR A 146 18.10 -4.16 10.67
C THR A 146 17.43 -2.79 10.46
N LEU A 147 18.01 -1.74 11.06
CA LEU A 147 17.57 -0.36 10.90
C LEU A 147 17.68 0.02 9.41
N GLU A 148 18.75 -0.48 8.74
CA GLU A 148 19.00 -0.25 7.31
C GLU A 148 17.83 -0.74 6.45
N HIS A 149 17.32 -1.97 6.73
CA HIS A 149 16.17 -2.59 6.06
C HIS A 149 14.93 -1.72 6.23
N LEU A 150 14.68 -1.24 7.45
CA LEU A 150 13.49 -0.43 7.73
C LEU A 150 13.52 0.91 7.04
N ILE A 151 14.71 1.54 7.00
CA ILE A 151 14.89 2.84 6.32
C ILE A 151 14.75 2.59 4.82
N CYS A 152 15.30 1.48 4.34
CA CYS A 152 15.21 1.06 2.94
C CYS A 152 13.73 0.83 2.51
N TYR A 153 12.88 0.18 3.36
CA TYR A 153 11.44 -0.01 3.04
C TYR A 153 10.74 1.36 2.98
N SER A 154 11.08 2.25 3.93
CA SER A 154 10.54 3.61 4.01
C SER A 154 10.89 4.40 2.72
N PHE A 155 12.15 4.32 2.30
CA PHE A 155 12.66 4.97 1.09
C PHE A 155 11.91 4.46 -0.15
N GLN A 156 11.78 3.13 -0.28
CA GLN A 156 11.09 2.51 -1.43
C GLN A 156 9.61 2.92 -1.50
N VAL A 157 8.91 2.96 -0.36
CA VAL A 157 7.51 3.44 -0.36
C VAL A 157 7.44 4.95 -0.80
N ALA A 158 8.36 5.81 -0.30
CA ALA A 158 8.36 7.21 -0.73
C ALA A 158 8.61 7.26 -2.25
N LYS A 159 9.53 6.41 -2.79
CA LYS A 159 9.80 6.40 -4.25
C LYS A 159 8.53 6.00 -5.03
N GLY A 160 7.82 4.98 -4.54
CA GLY A 160 6.59 4.53 -5.17
C GLY A 160 5.52 5.59 -5.11
N MET A 161 5.46 6.35 -4.00
CA MET A 161 4.44 7.43 -3.82
C MET A 161 4.73 8.63 -4.70
N GLU A 162 6.03 8.97 -4.84
CA GLU A 162 6.50 10.03 -5.69
C GLU A 162 6.12 9.68 -7.16
N PHE A 163 6.35 8.42 -7.54
CA PHE A 163 5.95 7.92 -8.86
C PHE A 163 4.42 8.06 -9.05
N LEU A 164 3.63 7.59 -8.08
N LEU A 164 3.63 7.58 -8.07
CA LEU A 164 2.17 7.71 -8.17
CA LEU A 164 2.17 7.70 -8.12
C LEU A 164 1.73 9.17 -8.33
C LEU A 164 1.71 9.16 -8.28
N ALA A 165 2.31 10.08 -7.54
CA ALA A 165 2.00 11.52 -7.61
C ALA A 165 2.36 12.06 -8.98
N SER A 166 3.44 11.55 -9.61
CA SER A 166 3.87 11.97 -10.96
C SER A 166 2.86 11.55 -12.03
N ARG A 167 2.04 10.53 -11.73
CA ARG A 167 1.00 10.04 -12.62
C ARG A 167 -0.36 10.72 -12.32
N LYS A 168 -0.36 11.73 -11.43
CA LYS A 168 -1.56 12.52 -11.04
C LYS A 168 -2.59 11.65 -10.32
N CYS A 169 -2.09 10.68 -9.56
CA CYS A 169 -2.91 9.79 -8.77
C CYS A 169 -2.58 9.94 -7.31
N ILE A 170 -3.57 9.65 -6.47
CA ILE A 170 -3.40 9.63 -5.02
C ILE A 170 -3.91 8.29 -4.53
N HIS A 171 -3.37 7.81 -3.43
CA HIS A 171 -3.68 6.49 -2.92
C HIS A 171 -5.02 6.43 -2.17
N ARG A 172 -5.14 7.23 -1.09
CA ARG A 172 -6.30 7.37 -0.19
C ARG A 172 -6.41 6.29 0.87
N ASP A 173 -5.55 5.26 0.83
CA ASP A 173 -5.60 4.23 1.89
C ASP A 173 -4.19 3.71 2.09
N LEU A 174 -3.21 4.66 2.18
CA LEU A 174 -1.80 4.29 2.37
C LEU A 174 -1.62 3.82 3.83
N ALA A 175 -1.05 2.63 3.99
CA ALA A 175 -0.85 1.95 5.28
C ALA A 175 0.01 0.73 5.01
N ALA A 176 0.65 0.17 6.05
CA ALA A 176 1.52 -1.00 5.90
C ALA A 176 0.78 -2.22 5.35
N ARG A 177 -0.55 -2.38 5.66
CA ARG A 177 -1.39 -3.48 5.13
C ARG A 177 -1.51 -3.39 3.58
N ASN A 178 -1.25 -2.20 3.00
CA ASN A 178 -1.33 -2.01 1.55
C ASN A 178 0.04 -1.90 0.91
N ILE A 179 1.05 -2.44 1.61
CA ILE A 179 2.41 -2.54 1.08
C ILE A 179 2.72 -4.01 0.98
N LEU A 180 3.24 -4.48 -0.17
CA LEU A 180 3.61 -5.89 -0.26
C LEU A 180 5.09 -6.04 -0.31
N LEU A 181 5.59 -7.18 0.16
CA LEU A 181 7.02 -7.41 0.13
C LEU A 181 7.33 -8.54 -0.86
N SER A 182 8.26 -8.26 -1.76
CA SER A 182 8.66 -9.23 -2.77
C SER A 182 10.06 -9.76 -2.45
N GLU A 183 10.72 -10.43 -3.41
CA GLU A 183 12.09 -10.93 -3.21
C GLU A 183 13.10 -9.78 -3.32
N LYS A 184 14.33 -9.98 -2.82
CA LYS A 184 15.41 -8.99 -2.87
C LYS A 184 15.07 -7.69 -2.13
N ASN A 185 14.24 -7.82 -1.06
CA ASN A 185 13.80 -6.74 -0.17
C ASN A 185 13.07 -5.60 -0.89
N VAL A 186 12.39 -5.93 -2.00
CA VAL A 186 11.60 -4.96 -2.77
C VAL A 186 10.19 -4.85 -2.21
N VAL A 187 9.72 -3.63 -1.94
CA VAL A 187 8.34 -3.42 -1.41
C VAL A 187 7.54 -2.71 -2.48
N LYS A 188 6.27 -3.05 -2.58
CA LYS A 188 5.37 -2.54 -3.61
C LYS A 188 4.10 -2.00 -3.01
N ILE A 189 3.73 -0.78 -3.40
CA ILE A 189 2.47 -0.21 -2.95
C ILE A 189 1.34 -0.94 -3.73
N CYS A 190 0.27 -1.29 -3.03
CA CYS A 190 -0.92 -1.85 -3.69
C CYS A 190 -2.16 -1.23 -3.06
N ASP A 191 -3.37 -1.70 -3.45
CA ASP A 191 -4.61 -1.26 -2.82
C ASP A 191 -5.55 -2.48 -2.91
N PHE A 192 -5.74 -3.20 -1.81
CA PHE A 192 -6.64 -4.36 -1.86
C PHE A 192 -8.07 -3.99 -2.19
N GLY A 193 -8.51 -2.81 -1.73
CA GLY A 193 -9.88 -2.36 -1.95
C GLY A 193 -10.94 -3.34 -1.50
N LEU A 194 -11.83 -3.70 -2.44
CA LEU A 194 -12.95 -4.66 -2.32
C LEU A 194 -12.48 -6.07 -1.88
N ALA A 195 -11.20 -6.42 -2.13
CA ALA A 195 -10.63 -7.72 -1.74
C ALA A 195 -10.19 -7.79 -0.27
N ARG A 196 -10.42 -6.73 0.49
CA ARG A 196 -10.22 -6.73 1.92
C ARG A 196 -11.61 -6.61 2.52
N ASP A 197 -11.92 -7.42 3.55
CA ASP A 197 -13.22 -7.31 4.22
C ASP A 197 -13.12 -6.16 5.25
N ILE A 198 -13.40 -4.93 4.78
CA ILE A 198 -13.29 -3.72 5.61
C ILE A 198 -14.34 -3.68 6.72
N TYR A 199 -15.36 -4.54 6.62
CA TYR A 199 -16.43 -4.62 7.61
C TYR A 199 -16.06 -5.54 8.78
N LYS A 200 -15.06 -6.42 8.60
CA LYS A 200 -14.53 -7.33 9.62
C LYS A 200 -13.23 -6.78 10.22
N ASP A 201 -12.53 -5.93 9.45
CA ASP A 201 -11.21 -5.40 9.78
C ASP A 201 -11.22 -4.26 10.81
N PRO A 202 -10.54 -4.45 11.97
CA PRO A 202 -10.50 -3.37 12.99
C PRO A 202 -9.78 -2.08 12.59
N ASP A 203 -9.05 -2.08 11.46
CA ASP A 203 -8.36 -0.87 10.99
C ASP A 203 -9.35 0.14 10.36
N TYR A 204 -10.60 -0.31 10.13
CA TYR A 204 -11.62 0.50 9.49
C TYR A 204 -12.72 0.73 10.49
N VAL A 205 -13.05 1.99 10.74
CA VAL A 205 -14.03 2.41 11.77
C VAL A 205 -15.23 3.06 11.11
N ARG A 206 -16.45 2.75 11.61
CA ARG A 206 -17.69 3.35 11.13
C ARG A 206 -17.66 4.88 11.35
N LYS A 207 -17.99 5.62 10.29
CA LYS A 207 -18.05 7.08 10.25
C LYS A 207 -19.15 7.37 9.23
N GLY A 208 -20.37 7.54 9.74
CA GLY A 208 -21.56 7.73 8.93
C GLY A 208 -22.02 6.40 8.35
N ASP A 209 -22.09 6.31 7.02
CA ASP A 209 -22.50 5.10 6.30
C ASP A 209 -21.30 4.31 5.77
N ALA A 210 -20.09 4.87 5.94
CA ALA A 210 -18.84 4.28 5.45
C ALA A 210 -17.93 3.72 6.55
N ARG A 211 -16.99 2.82 6.16
CA ARG A 211 -16.00 2.21 7.04
C ARG A 211 -14.68 2.81 6.58
N LEU A 212 -14.09 3.69 7.40
CA LEU A 212 -12.89 4.43 7.01
C LEU A 212 -11.64 4.13 7.85
N PRO A 213 -10.44 4.20 7.24
CA PRO A 213 -9.22 3.91 8.00
C PRO A 213 -8.82 5.13 8.84
N LEU A 214 -9.59 5.41 9.89
CA LEU A 214 -9.43 6.59 10.74
C LEU A 214 -8.04 6.82 11.28
N LYS A 215 -7.33 5.78 11.76
CA LYS A 215 -5.99 5.96 12.33
C LYS A 215 -4.92 6.42 11.32
N TRP A 216 -5.21 6.35 10.01
CA TRP A 216 -4.27 6.73 8.96
C TRP A 216 -4.65 8.03 8.24
N MET A 217 -5.81 8.60 8.57
CA MET A 217 -6.31 9.79 7.91
C MET A 217 -5.87 11.11 8.50
N ALA A 218 -5.52 12.06 7.61
CA ALA A 218 -5.15 13.42 8.01
C ALA A 218 -6.38 14.20 8.59
N PRO A 219 -6.20 15.20 9.49
CA PRO A 219 -7.36 15.94 10.04
C PRO A 219 -8.27 16.55 8.98
N GLU A 220 -7.70 17.04 7.86
CA GLU A 220 -8.51 17.61 6.77
C GLU A 220 -9.33 16.54 6.05
N THR A 221 -8.92 15.27 6.14
CA THR A 221 -9.66 14.16 5.54
C THR A 221 -10.82 13.78 6.47
N ILE A 222 -10.55 13.58 7.76
CA ILE A 222 -11.59 13.22 8.74
C ILE A 222 -12.68 14.34 8.85
N PHE A 223 -12.24 15.59 9.04
CA PHE A 223 -13.13 16.73 9.26
C PHE A 223 -13.69 17.39 8.01
N ASP A 224 -12.92 17.46 6.91
CA ASP A 224 -13.40 18.16 5.71
C ASP A 224 -13.57 17.27 4.48
N ARG A 225 -13.31 15.94 4.61
CA ARG A 225 -13.40 14.95 3.52
C ARG A 225 -12.49 15.33 2.35
N VAL A 226 -11.35 15.98 2.65
CA VAL A 226 -10.35 16.43 1.68
C VAL A 226 -9.28 15.33 1.51
N TYR A 227 -9.10 14.83 0.26
CA TYR A 227 -8.08 13.83 -0.10
C TYR A 227 -7.14 14.45 -1.12
N THR A 228 -5.85 14.56 -0.79
CA THR A 228 -4.84 15.14 -1.69
C THR A 228 -3.55 14.35 -1.52
N ILE A 229 -2.54 14.65 -2.34
CA ILE A 229 -1.24 14.00 -2.15
C ILE A 229 -0.66 14.32 -0.76
N GLN A 230 -1.01 15.49 -0.19
CA GLN A 230 -0.49 15.87 1.11
C GLN A 230 -1.21 15.13 2.25
N SER A 231 -2.46 14.65 2.04
CA SER A 231 -3.08 13.76 3.05
C SER A 231 -2.45 12.36 2.95
N ASP A 232 -1.91 11.98 1.77
CA ASP A 232 -1.19 10.71 1.61
C ASP A 232 0.16 10.84 2.37
N VAL A 233 0.75 12.06 2.41
CA VAL A 233 1.98 12.29 3.20
C VAL A 233 1.69 12.01 4.67
N TRP A 234 0.51 12.48 5.17
CA TRP A 234 0.12 12.22 6.55
C TRP A 234 0.09 10.69 6.79
N SER A 235 -0.57 9.93 5.90
CA SER A 235 -0.69 8.47 6.00
C SER A 235 0.67 7.83 5.93
N PHE A 236 1.57 8.41 5.11
CA PHE A 236 2.96 7.93 5.03
C PHE A 236 3.65 8.04 6.40
N GLY A 237 3.43 9.15 7.13
CA GLY A 237 3.97 9.31 8.48
C GLY A 237 3.45 8.21 9.39
N VAL A 238 2.14 7.89 9.30
CA VAL A 238 1.55 6.77 10.08
C VAL A 238 2.22 5.41 9.65
N LEU A 239 2.43 5.22 8.33
N LEU A 239 2.43 5.20 8.34
CA LEU A 239 3.10 4.04 7.78
CA LEU A 239 3.12 4.00 7.84
C LEU A 239 4.54 3.92 8.37
C LEU A 239 4.55 3.92 8.43
N LEU A 240 5.27 5.06 8.51
CA LEU A 240 6.63 5.09 9.10
C LEU A 240 6.56 4.62 10.54
N TRP A 241 5.48 5.01 11.26
CA TRP A 241 5.32 4.61 12.65
C TRP A 241 5.08 3.11 12.72
N GLU A 242 4.29 2.54 11.78
CA GLU A 242 4.05 1.08 11.75
C GLU A 242 5.38 0.37 11.44
N ILE A 243 6.20 0.92 10.52
CA ILE A 243 7.47 0.29 10.16
C ILE A 243 8.42 0.28 11.39
N PHE A 244 8.58 1.44 12.05
CA PHE A 244 9.55 1.54 13.16
C PHE A 244 8.97 1.09 14.52
N SER A 245 7.74 0.55 14.51
CA SER A 245 7.15 -0.09 15.71
C SER A 245 7.18 -1.61 15.42
N LEU A 246 7.69 -1.98 14.22
CA LEU A 246 7.75 -3.33 13.66
C LEU A 246 6.34 -3.99 13.62
N GLY A 247 5.42 -3.31 12.93
CA GLY A 247 4.06 -3.77 12.72
C GLY A 247 3.07 -3.66 13.86
N ALA A 248 3.23 -2.66 14.77
CA ALA A 248 2.24 -2.47 15.84
C ALA A 248 1.08 -1.66 15.29
N SER A 249 -0.07 -1.69 15.97
CA SER A 249 -1.25 -0.94 15.52
C SER A 249 -1.11 0.54 15.98
N PRO A 250 -1.38 1.58 15.14
CA PRO A 250 -1.20 2.97 15.61
C PRO A 250 -2.09 3.37 16.80
N TYR A 251 -1.69 4.46 17.48
CA TYR A 251 -2.38 5.05 18.65
C TYR A 251 -2.73 3.96 19.67
N PRO A 252 -1.73 3.19 20.17
CA PRO A 252 -2.03 2.09 21.12
C PRO A 252 -2.79 2.53 22.37
N GLY A 253 -3.89 1.81 22.64
CA GLY A 253 -4.76 2.04 23.80
C GLY A 253 -5.75 3.18 23.68
N VAL A 254 -5.69 3.94 22.57
CA VAL A 254 -6.55 5.11 22.33
C VAL A 254 -7.88 4.67 21.70
N LYS A 255 -9.00 5.13 22.29
CA LYS A 255 -10.33 4.84 21.76
C LYS A 255 -10.54 5.75 20.55
N ILE A 256 -10.85 5.15 19.39
CA ILE A 256 -11.00 5.90 18.15
C ILE A 256 -12.43 6.39 18.03
N ASP A 257 -12.66 7.56 18.63
CA ASP A 257 -13.96 8.24 18.71
C ASP A 257 -13.84 9.73 18.37
N GLU A 258 -14.90 10.50 18.66
CA GLU A 258 -14.99 11.94 18.41
C GLU A 258 -13.89 12.73 19.12
N GLU A 259 -13.56 12.34 20.39
CA GLU A 259 -12.50 12.95 21.20
C GLU A 259 -11.11 12.78 20.57
N PHE A 260 -10.84 11.58 20.02
CA PHE A 260 -9.58 11.28 19.32
C PHE A 260 -9.39 12.25 18.15
N CYS A 261 -10.44 12.44 17.34
CA CYS A 261 -10.44 13.33 16.16
C CYS A 261 -10.20 14.79 16.59
N ARG A 262 -10.88 15.24 17.67
CA ARG A 262 -10.72 16.60 18.22
C ARG A 262 -9.27 16.82 18.71
N ARG A 263 -8.70 15.85 19.47
CA ARG A 263 -7.32 15.92 19.98
C ARG A 263 -6.33 15.98 18.80
N LEU A 264 -6.58 15.17 17.74
CA LEU A 264 -5.73 15.16 16.55
C LEU A 264 -5.76 16.55 15.88
N LYS A 265 -6.99 17.11 15.68
CA LYS A 265 -7.22 18.40 15.05
C LYS A 265 -6.47 19.52 15.78
N GLU A 266 -6.33 19.39 17.12
CA GLU A 266 -5.65 20.36 17.98
C GLU A 266 -4.11 20.25 17.98
N GLY A 267 -3.56 19.12 17.51
CA GLY A 267 -2.12 18.92 17.44
C GLY A 267 -1.53 17.77 18.24
N THR A 268 -2.39 16.92 18.84
CA THR A 268 -1.98 15.72 19.59
C THR A 268 -1.44 14.68 18.57
N ARG A 269 -0.26 14.12 18.83
CA ARG A 269 0.42 13.14 17.97
C ARG A 269 0.84 11.93 18.77
N MET A 270 1.17 10.84 18.08
CA MET A 270 1.68 9.61 18.67
C MET A 270 3.08 9.83 19.20
N ARG A 271 3.44 9.14 20.29
CA ARG A 271 4.80 9.17 20.84
C ARG A 271 5.68 8.31 19.91
N ALA A 272 7.02 8.42 20.02
CA ALA A 272 7.94 7.66 19.18
C ALA A 272 7.79 6.14 19.32
N PRO A 273 7.85 5.37 18.22
CA PRO A 273 7.78 3.91 18.34
C PRO A 273 9.11 3.33 18.87
N ASP A 274 9.09 2.09 19.40
CA ASP A 274 10.23 1.42 20.06
C ASP A 274 11.50 1.16 19.24
N TYR A 275 11.44 1.18 17.90
CA TYR A 275 12.63 0.87 17.10
C TYR A 275 13.08 2.04 16.19
N THR A 276 12.58 3.24 16.43
CA THR A 276 12.91 4.42 15.62
C THR A 276 14.27 5.05 15.97
N THR A 277 14.81 5.87 15.05
CA THR A 277 15.99 6.70 15.29
C THR A 277 15.41 8.09 15.53
N PRO A 278 16.09 9.03 16.22
CA PRO A 278 15.50 10.36 16.42
C PRO A 278 15.01 11.04 15.13
N GLU A 279 15.84 11.03 14.06
CA GLU A 279 15.52 11.64 12.76
C GLU A 279 14.32 10.98 12.07
N MET A 280 14.13 9.64 12.23
CA MET A 280 12.94 8.99 11.65
C MET A 280 11.70 9.47 12.40
N TYR A 281 11.79 9.68 13.73
CA TYR A 281 10.64 10.21 14.48
C TYR A 281 10.36 11.66 14.06
N GLN A 282 11.43 12.46 13.81
CA GLN A 282 11.23 13.84 13.35
C GLN A 282 10.55 13.84 11.97
N THR A 283 10.85 12.83 11.12
CA THR A 283 10.23 12.71 9.78
C THR A 283 8.70 12.44 9.96
N MET A 284 8.35 11.59 10.94
CA MET A 284 6.94 11.30 11.28
C MET A 284 6.20 12.58 11.66
N LEU A 285 6.80 13.37 12.60
CA LEU A 285 6.20 14.63 13.04
C LEU A 285 6.05 15.60 11.90
N ASP A 286 7.06 15.67 11.00
CA ASP A 286 7.00 16.54 9.82
C ASP A 286 5.84 16.13 8.90
N CYS A 287 5.61 14.79 8.69
CA CYS A 287 4.48 14.30 7.89
C CYS A 287 3.17 14.63 8.57
N TRP A 288 3.18 14.75 9.90
CA TRP A 288 1.98 15.04 10.65
C TRP A 288 1.78 16.50 10.97
N HIS A 289 2.33 17.43 10.16
CA HIS A 289 2.09 18.86 10.38
C HIS A 289 0.60 19.09 10.15
N GLY A 290 -0.03 19.92 10.99
CA GLY A 290 -1.45 20.24 10.89
C GLY A 290 -1.81 20.90 9.57
N GLU A 291 -0.89 21.73 9.01
CA GLU A 291 -1.07 22.41 7.72
C GLU A 291 -0.57 21.52 6.59
N PRO A 292 -1.45 21.05 5.66
CA PRO A 292 -1.00 20.14 4.58
C PRO A 292 0.14 20.66 3.72
N SER A 293 0.16 21.98 3.42
CA SER A 293 1.19 22.64 2.63
C SER A 293 2.55 22.62 3.32
N GLN A 294 2.57 22.51 4.65
CA GLN A 294 3.81 22.50 5.44
C GLN A 294 4.44 21.12 5.62
N ARG A 295 3.73 20.07 5.20
CA ARG A 295 4.22 18.68 5.24
C ARG A 295 5.26 18.53 4.14
N PRO A 296 6.27 17.63 4.24
CA PRO A 296 7.18 17.46 3.09
C PRO A 296 6.47 16.84 1.91
N THR A 297 6.99 17.04 0.69
CA THR A 297 6.39 16.35 -0.46
C THR A 297 7.06 14.97 -0.51
N PHE A 298 6.55 14.05 -1.38
CA PHE A 298 7.19 12.74 -1.51
C PHE A 298 8.58 12.90 -2.13
N SER A 299 8.77 13.87 -3.07
CA SER A 299 10.13 14.14 -3.64
C SER A 299 11.12 14.52 -2.54
N GLU A 300 10.67 15.32 -1.56
CA GLU A 300 11.52 15.76 -0.46
C GLU A 300 11.83 14.57 0.47
N LEU A 301 10.82 13.70 0.68
CA LEU A 301 10.98 12.50 1.52
C LEU A 301 11.95 11.52 0.90
N VAL A 302 11.86 11.35 -0.42
CA VAL A 302 12.77 10.51 -1.20
C VAL A 302 14.22 10.97 -0.97
N GLU A 303 14.51 12.29 -1.17
CA GLU A 303 15.84 12.85 -0.97
C GLU A 303 16.30 12.64 0.47
N HIS A 304 15.43 12.93 1.45
CA HIS A 304 15.77 12.83 2.88
C HIS A 304 16.08 11.38 3.31
N LEU A 305 15.21 10.43 2.93
CA LEU A 305 15.38 9.01 3.27
C LEU A 305 16.58 8.40 2.56
N GLY A 306 16.83 8.83 1.32
CA GLY A 306 18.01 8.39 0.56
C GLY A 306 19.29 8.89 1.22
N ASN A 307 19.27 10.10 1.81
CA ASN A 307 20.45 10.63 2.53
C ASN A 307 20.68 9.82 3.82
N LEU A 308 19.58 9.51 4.55
CA LEU A 308 19.56 8.76 5.80
C LEU A 308 20.08 7.34 5.58
N LEU A 309 19.73 6.74 4.43
CA LEU A 309 20.16 5.40 4.03
C LEU A 309 21.68 5.38 3.80
N GLN A 310 22.24 6.44 3.19
CA GLN A 310 23.66 6.57 2.96
C GLN A 310 24.43 6.92 4.26
N ALA A 311 23.78 7.61 5.21
CA ALA A 311 24.34 7.96 6.52
C ALA A 311 24.33 6.74 7.44
N ASN A 312 23.31 5.85 7.31
CA ASN A 312 23.17 4.62 8.12
C ASN A 312 24.22 3.57 7.76
N ALA A 313 24.77 3.64 6.51
CA ALA A 313 25.81 2.74 6.01
C ALA A 313 27.17 2.99 6.68
#